data_8T6R
#
_entry.id   8T6R
#
_cell.length_a   1.00
_cell.length_b   1.00
_cell.length_c   1.00
_cell.angle_alpha   90.00
_cell.angle_beta   90.00
_cell.angle_gamma   90.00
#
_symmetry.space_group_name_H-M   'P 1'
#
_entity_poly.entity_id   1
_entity_poly.type   'polypeptide(L)'
_entity_poly.pdbx_seq_one_letter_code
;MAKNTDKAQLALGDHAARQLANATKTAPQLSTITPRWLTHLLQWIPVEAGIYRLNRVNNTDDIQVACTQRDEATLPQTFV
DYAPEPREYFLNGVSTVLDVHTRVADLYSSPHDQIKEQLRLTIETIKERQESELINNPEYGLLASVTDDQRISTLNGPPT
PDDLDDLLRKVWKEPGFFLAHPDAIAAFGRECTRRGVPPPTVSLFGSQFITWRGIPLIPSNKIPVEDGKTKILLLRVGEK
RQGIVGLFQPGLAGEQSPGLSVRFMGINRNAIASYLISLYCSLAVLTDDALAVLDDVEVDKYHDYPVNYK
;
_entity_poly.pdbx_strand_id   A
#
# COMPACT_ATOMS: atom_id res chain seq x y z
N GLN A 9 -29.78 52.37 15.48
CA GLN A 9 -28.49 52.03 14.83
C GLN A 9 -27.61 53.27 14.78
N LEU A 10 -26.39 53.19 15.31
CA LEU A 10 -25.51 54.35 15.32
C LEU A 10 -24.67 54.43 14.05
N ALA A 11 -24.31 53.28 13.48
CA ALA A 11 -23.43 53.26 12.33
C ALA A 11 -23.78 52.05 11.46
N LEU A 12 -23.06 51.94 10.34
CA LEU A 12 -23.32 50.87 9.38
C LEU A 12 -23.00 49.51 9.99
N GLY A 13 -23.85 48.52 9.68
CA GLY A 13 -23.72 47.21 10.30
C GLY A 13 -22.81 46.26 9.52
N ASP A 14 -22.42 45.19 10.22
CA ASP A 14 -21.52 44.20 9.63
C ASP A 14 -22.17 43.48 8.46
N HIS A 15 -23.45 43.14 8.58
CA HIS A 15 -24.12 42.40 7.51
C HIS A 15 -24.15 43.22 6.22
N ALA A 16 -24.48 44.51 6.32
CA ALA A 16 -24.46 45.37 5.14
C ALA A 16 -23.04 45.59 4.63
N ALA A 17 -22.09 45.80 5.54
CA ALA A 17 -20.71 46.12 5.12
C ALA A 17 -20.05 44.97 4.36
N ARG A 18 -20.41 43.74 4.68
CA ARG A 18 -19.77 42.55 4.03
C ARG A 18 -20.03 42.54 2.51
N GLN A 19 -21.14 43.15 2.08
CA GLN A 19 -21.50 43.08 0.62
C GLN A 19 -20.37 43.66 -0.26
N LEU A 20 -19.50 44.51 0.31
CA LEU A 20 -18.42 45.12 -0.48
C LEU A 20 -17.15 44.30 -0.28
N ALA A 21 -17.22 43.24 0.55
CA ALA A 21 -15.97 42.59 0.89
C ALA A 21 -15.80 41.27 0.15
N ASN A 22 -14.54 40.96 -0.18
CA ASN A 22 -14.20 39.69 -0.89
C ASN A 22 -13.85 38.57 0.09
N ALA A 23 -14.60 37.47 0.09
CA ALA A 23 -14.33 36.33 0.97
C ALA A 23 -13.10 35.57 0.49
N THR A 24 -12.39 34.98 1.45
CA THR A 24 -11.28 34.09 1.13
C THR A 24 -11.84 32.68 0.97
N LYS A 25 -11.70 32.12 -0.23
CA LYS A 25 -12.32 30.85 -0.59
C LYS A 25 -11.27 29.77 -0.69
N THR A 26 -11.51 28.65 0.00
CA THR A 26 -10.60 27.51 -0.06
C THR A 26 -10.99 26.58 -1.20
N ALA A 27 -10.01 25.81 -1.67
CA ALA A 27 -10.30 24.70 -2.55
C ALA A 27 -11.11 23.66 -1.77
N PRO A 28 -11.98 22.91 -2.44
CA PRO A 28 -12.84 21.95 -1.73
C PRO A 28 -12.00 20.91 -1.00
N GLN A 29 -12.42 20.57 0.22
CA GLN A 29 -11.74 19.59 1.05
C GLN A 29 -12.35 18.21 0.84
N LEU A 30 -11.50 17.20 0.76
CA LEU A 30 -11.92 15.83 0.54
C LEU A 30 -11.60 15.00 1.78
N SER A 31 -12.62 14.38 2.37
CA SER A 31 -12.44 13.67 3.63
C SER A 31 -11.72 12.34 3.44
N THR A 32 -11.85 11.74 2.25
CA THR A 32 -11.35 10.38 2.03
C THR A 32 -9.85 10.32 1.77
N ILE A 33 -9.15 11.47 1.73
CA ILE A 33 -7.72 11.46 1.47
C ILE A 33 -7.00 10.85 2.66
N THR A 34 -6.09 9.92 2.38
CA THR A 34 -5.27 9.22 3.36
C THR A 34 -3.81 9.36 2.98
N PRO A 35 -2.88 9.21 3.94
CA PRO A 35 -1.46 9.35 3.60
C PRO A 35 -0.96 8.34 2.58
N ARG A 36 -1.57 7.16 2.49
CA ARG A 36 -1.19 6.13 1.52
C ARG A 36 0.29 5.76 1.65
N TRP A 37 0.65 5.23 2.83
CA TRP A 37 2.05 4.98 3.15
C TRP A 37 2.65 3.88 2.26
N LEU A 38 1.85 2.88 1.90
CA LEU A 38 2.38 1.73 1.17
C LEU A 38 2.95 2.13 -0.19
N THR A 39 2.25 3.03 -0.89
CA THR A 39 2.73 3.49 -2.19
C THR A 39 4.07 4.20 -2.06
N HIS A 40 4.23 5.00 -0.99
CA HIS A 40 5.49 5.69 -0.77
C HIS A 40 6.60 4.70 -0.41
N LEU A 41 6.27 3.66 0.35
CA LEU A 41 7.29 2.73 0.82
C LEU A 41 7.77 1.79 -0.29
N LEU A 42 6.86 1.41 -1.20
CA LEU A 42 7.23 0.45 -2.23
C LEU A 42 8.21 1.04 -3.23
N GLN A 43 9.02 0.17 -3.83
CA GLN A 43 9.89 0.53 -4.94
C GLN A 43 9.19 0.24 -6.26
N TRP A 44 9.22 1.22 -7.16
CA TRP A 44 8.49 1.14 -8.42
C TRP A 44 9.45 0.94 -9.58
N ILE A 45 9.13 -0.02 -10.43
CA ILE A 45 9.98 -0.43 -11.55
C ILE A 45 9.24 -0.17 -12.84
N PRO A 46 9.89 0.46 -13.83
CA PRO A 46 9.24 0.66 -15.13
C PRO A 46 9.31 -0.62 -15.97
N VAL A 47 8.23 -0.90 -16.70
CA VAL A 47 8.18 -2.01 -17.64
C VAL A 47 8.11 -1.43 -19.05
N GLU A 48 8.88 -2.04 -19.97
CA GLU A 48 9.00 -1.47 -21.31
C GLU A 48 7.67 -1.52 -22.07
N ALA A 49 7.01 -2.68 -22.08
CA ALA A 49 5.80 -2.84 -22.88
C ALA A 49 4.73 -3.58 -22.08
N GLY A 50 4.57 -3.22 -20.81
CA GLY A 50 3.49 -3.74 -20.00
C GLY A 50 3.58 -5.20 -19.62
N ILE A 51 4.73 -5.84 -19.81
CA ILE A 51 4.90 -7.26 -19.51
C ILE A 51 6.12 -7.41 -18.61
N TYR A 52 5.98 -8.22 -17.56
CA TYR A 52 7.05 -8.50 -16.60
C TYR A 52 7.12 -10.00 -16.39
N ARG A 53 8.22 -10.61 -16.84
CA ARG A 53 8.41 -12.06 -16.74
C ARG A 53 9.35 -12.35 -15.57
N LEU A 54 8.88 -13.14 -14.62
CA LEU A 54 9.63 -13.43 -13.39
C LEU A 54 10.25 -14.82 -13.51
N ASN A 55 11.54 -14.86 -13.85
CA ASN A 55 12.24 -16.13 -14.01
C ASN A 55 12.75 -16.64 -12.68
N ARG A 56 12.87 -17.95 -12.58
CA ARG A 56 13.28 -18.48 -11.29
C ARG A 56 14.06 -19.78 -11.44
N VAL A 57 14.77 -20.08 -10.40
CA VAL A 57 15.59 -21.30 -10.33
C VAL A 57 14.74 -22.39 -9.67
N ASN A 58 14.70 -23.57 -10.29
CA ASN A 58 13.80 -24.62 -9.84
C ASN A 58 14.48 -25.94 -9.48
N ASN A 59 15.81 -25.92 -9.34
CA ASN A 59 16.56 -27.13 -8.90
C ASN A 59 17.46 -26.77 -7.70
N THR A 60 17.02 -25.89 -6.79
CA THR A 60 17.90 -25.41 -5.69
C THR A 60 18.54 -26.59 -4.96
N ASP A 61 17.80 -27.68 -4.75
CA ASP A 61 18.35 -28.84 -3.98
C ASP A 61 19.30 -29.69 -4.81
N ASP A 62 19.32 -29.50 -6.14
CA ASP A 62 20.16 -30.34 -7.04
C ASP A 62 21.46 -29.62 -7.43
N ILE A 63 21.73 -28.43 -6.90
CA ILE A 63 23.02 -27.74 -7.17
C ILE A 63 24.03 -28.33 -6.16
N GLN A 64 24.88 -29.25 -6.61
CA GLN A 64 25.79 -30.01 -5.76
C GLN A 64 27.15 -29.34 -5.69
N VAL A 65 27.65 -29.18 -4.47
CA VAL A 65 29.01 -28.72 -4.23
C VAL A 65 29.65 -29.68 -3.24
N ALA A 66 30.98 -29.75 -3.27
CA ALA A 66 31.71 -30.71 -2.46
C ALA A 66 32.75 -30.02 -1.61
N CYS A 67 32.88 -30.43 -0.34
CA CYS A 67 33.96 -29.89 0.54
C CYS A 67 35.21 -30.74 0.32
N THR A 68 36.31 -30.13 -0.11
CA THR A 68 37.48 -30.97 -0.51
C THR A 68 38.43 -31.30 0.64
N GLN A 69 39.17 -32.41 0.50
CA GLN A 69 40.18 -32.82 1.50
C GLN A 69 41.55 -32.75 0.83
N ARG A 70 42.62 -33.07 1.57
CA ARG A 70 43.98 -33.09 0.97
C ARG A 70 44.14 -34.41 0.20
N ASP A 71 43.43 -34.55 -0.93
CA ASP A 71 43.49 -35.81 -1.72
C ASP A 71 43.15 -35.57 -3.20
N GLU A 72 42.97 -36.65 -3.97
CA GLU A 72 42.69 -36.52 -5.44
C GLU A 72 41.29 -37.05 -5.76
N ALA A 73 40.30 -36.74 -4.94
CA ALA A 73 38.95 -37.26 -5.09
C ALA A 73 38.26 -36.63 -6.29
N THR A 74 37.31 -37.38 -6.86
CA THR A 74 36.53 -36.87 -7.98
C THR A 74 35.56 -35.80 -7.52
N LEU A 75 35.23 -34.87 -8.43
CA LEU A 75 34.38 -33.74 -8.14
C LEU A 75 33.00 -33.90 -8.79
N PRO A 76 31.95 -33.37 -8.16
CA PRO A 76 30.61 -33.49 -8.74
C PRO A 76 30.43 -32.55 -9.93
N GLN A 77 29.51 -32.90 -10.82
CA GLN A 77 29.14 -32.06 -11.96
C GLN A 77 27.78 -31.44 -11.67
N THR A 78 27.58 -30.19 -12.06
CA THR A 78 26.32 -29.55 -11.77
C THR A 78 26.02 -28.44 -12.77
N PHE A 79 24.76 -28.00 -12.74
CA PHE A 79 24.25 -26.92 -13.57
C PHE A 79 23.04 -26.34 -12.86
N VAL A 80 22.64 -25.14 -13.26
CA VAL A 80 21.50 -24.46 -12.65
C VAL A 80 20.34 -24.48 -13.66
N ASP A 81 19.19 -24.96 -13.22
CA ASP A 81 18.01 -25.09 -14.07
C ASP A 81 17.01 -23.99 -13.77
N TYR A 82 16.26 -23.57 -14.78
CA TYR A 82 15.25 -22.54 -14.66
C TYR A 82 13.86 -23.14 -14.82
N ALA A 83 12.86 -22.45 -14.27
CA ALA A 83 11.48 -22.88 -14.41
C ALA A 83 11.07 -22.81 -15.89
N PRO A 84 10.55 -23.89 -16.46
CA PRO A 84 10.19 -23.85 -17.89
C PRO A 84 9.13 -22.84 -18.23
N GLU A 85 8.16 -22.62 -17.35
CA GLU A 85 6.98 -21.80 -17.65
C GLU A 85 6.82 -20.74 -16.58
N PRO A 86 7.59 -19.66 -16.64
CA PRO A 86 7.53 -18.66 -15.57
C PRO A 86 6.27 -17.82 -15.65
N ARG A 87 5.85 -17.30 -14.49
CA ARG A 87 4.71 -16.41 -14.45
C ARG A 87 5.08 -15.05 -15.05
N GLU A 88 4.20 -14.54 -15.90
CA GLU A 88 4.34 -13.24 -16.54
C GLU A 88 3.36 -12.26 -15.89
N TYR A 89 3.86 -11.08 -15.51
CA TYR A 89 3.06 -10.07 -14.85
C TYR A 89 2.55 -9.02 -15.83
N PHE A 90 1.27 -8.69 -15.74
CA PHE A 90 0.62 -7.83 -16.72
C PHE A 90 -0.10 -6.69 -16.00
N LEU A 91 0.13 -5.46 -16.47
CA LEU A 91 -0.39 -4.28 -15.81
C LEU A 91 -1.90 -4.21 -15.89
N ASN A 92 -2.56 -3.86 -14.78
CA ASN A 92 -4.00 -3.63 -14.75
C ASN A 92 -4.27 -2.13 -14.63
N GLY A 93 -5.45 -1.73 -15.09
CA GLY A 93 -5.77 -0.32 -15.13
C GLY A 93 -6.93 0.10 -14.25
N VAL A 94 -6.75 1.20 -13.53
CA VAL A 94 -7.83 1.89 -12.85
C VAL A 94 -8.15 3.14 -13.65
N SER A 95 -9.37 3.22 -14.18
CA SER A 95 -9.71 4.25 -15.14
C SER A 95 -11.09 4.81 -14.85
N THR A 96 -11.32 6.03 -15.33
CA THR A 96 -12.63 6.66 -15.20
C THR A 96 -12.78 7.76 -16.24
N VAL A 97 -14.02 8.18 -16.43
CA VAL A 97 -14.38 9.27 -17.34
C VAL A 97 -14.99 10.39 -16.50
N LEU A 98 -14.43 11.59 -16.63
CA LEU A 98 -14.88 12.76 -15.89
C LEU A 98 -15.58 13.72 -16.85
N ASP A 99 -16.76 14.18 -16.46
CA ASP A 99 -17.56 15.10 -17.28
C ASP A 99 -17.57 16.48 -16.64
N VAL A 100 -17.26 17.50 -17.44
CA VAL A 100 -17.23 18.88 -16.99
C VAL A 100 -18.03 19.74 -17.96
N HIS A 101 -18.89 20.61 -17.41
CA HIS A 101 -19.70 21.47 -18.26
C HIS A 101 -18.89 22.65 -18.77
N THR A 102 -19.00 22.91 -20.08
CA THR A 102 -18.23 23.96 -20.70
C THR A 102 -18.60 25.33 -20.13
N ARG A 103 -19.89 25.55 -19.85
CA ARG A 103 -20.30 26.82 -19.28
C ARG A 103 -19.67 27.05 -17.92
N VAL A 104 -19.67 26.02 -17.07
CA VAL A 104 -19.06 26.14 -15.74
C VAL A 104 -17.58 26.44 -15.88
N ALA A 105 -16.89 25.70 -16.75
CA ALA A 105 -15.45 25.90 -16.92
C ALA A 105 -15.15 27.31 -17.45
N ASP A 106 -15.98 27.81 -18.37
CA ASP A 106 -15.75 29.14 -18.93
C ASP A 106 -16.02 30.24 -17.90
N LEU A 107 -17.09 30.11 -17.12
CA LEU A 107 -17.57 31.23 -16.33
C LEU A 107 -16.99 31.29 -14.93
N TYR A 108 -16.81 30.17 -14.24
CA TYR A 108 -16.52 30.19 -12.81
C TYR A 108 -15.11 29.71 -12.50
N SER A 109 -14.14 30.35 -13.15
CA SER A 109 -12.74 29.86 -13.00
C SER A 109 -11.76 30.95 -12.55
N SER A 110 -12.16 31.85 -11.65
CA SER A 110 -11.16 32.79 -11.07
C SER A 110 -11.62 33.09 -9.63
N PRO A 111 -10.83 32.80 -8.57
CA PRO A 111 -9.39 32.57 -8.65
C PRO A 111 -9.01 31.08 -8.76
N HIS A 112 -9.98 30.18 -8.92
CA HIS A 112 -9.69 28.72 -9.06
C HIS A 112 -10.18 28.12 -10.39
N ASP A 113 -9.37 27.31 -11.03
CA ASP A 113 -9.78 26.65 -12.31
C ASP A 113 -10.62 25.41 -11.99
N GLN A 114 -11.85 25.31 -12.50
CA GLN A 114 -12.78 24.23 -12.20
C GLN A 114 -12.32 22.89 -12.75
N ILE A 115 -11.82 22.87 -13.99
CA ILE A 115 -11.37 21.62 -14.59
C ILE A 115 -10.20 21.05 -13.80
N LYS A 116 -9.25 21.90 -13.43
CA LYS A 116 -8.09 21.43 -12.66
C LYS A 116 -8.51 20.93 -11.29
N GLU A 117 -9.45 21.62 -10.63
CA GLU A 117 -9.92 21.14 -9.33
C GLU A 117 -10.58 19.77 -9.43
N GLN A 118 -11.46 19.61 -10.43
CA GLN A 118 -12.13 18.33 -10.63
C GLN A 118 -11.11 17.23 -10.92
N LEU A 119 -10.12 17.52 -11.76
CA LEU A 119 -9.10 16.52 -12.08
C LEU A 119 -8.30 16.13 -10.85
N ARG A 120 -7.94 17.12 -10.03
CA ARG A 120 -7.17 16.83 -8.82
C ARG A 120 -7.94 15.91 -7.88
N LEU A 121 -9.21 16.23 -7.63
CA LEU A 121 -10.00 15.40 -6.73
C LEU A 121 -10.19 13.98 -7.28
N THR A 122 -10.47 13.88 -8.59
CA THR A 122 -10.64 12.56 -9.19
C THR A 122 -9.35 11.74 -9.12
N ILE A 123 -8.20 12.39 -9.33
CA ILE A 123 -6.93 11.68 -9.26
C ILE A 123 -6.64 11.22 -7.84
N GLU A 124 -7.01 12.03 -6.85
CA GLU A 124 -6.88 11.58 -5.46
C GLU A 124 -7.71 10.32 -5.21
N THR A 125 -8.96 10.30 -5.70
CA THR A 125 -9.79 9.11 -5.54
C THR A 125 -9.16 7.91 -6.22
N ILE A 126 -8.59 8.11 -7.42
CA ILE A 126 -7.99 7.01 -8.17
C ILE A 126 -6.78 6.45 -7.42
N LYS A 127 -5.97 7.34 -6.81
CA LYS A 127 -4.81 6.87 -6.06
C LYS A 127 -5.23 6.07 -4.82
N GLU A 128 -6.29 6.51 -4.14
CA GLU A 128 -6.80 5.71 -3.03
C GLU A 128 -7.26 4.33 -3.50
N ARG A 129 -7.93 4.28 -4.65
CA ARG A 129 -8.34 2.98 -5.19
C ARG A 129 -7.13 2.11 -5.53
N GLN A 130 -6.05 2.74 -6.03
CA GLN A 130 -4.84 1.97 -6.33
C GLN A 130 -4.25 1.37 -5.06
N GLU A 131 -4.21 2.16 -3.98
CA GLU A 131 -3.74 1.62 -2.71
C GLU A 131 -4.59 0.44 -2.25
N SER A 132 -5.91 0.55 -2.41
CA SER A 132 -6.78 -0.58 -2.05
C SER A 132 -6.48 -1.81 -2.90
N GLU A 133 -6.27 -1.60 -4.21
CA GLU A 133 -6.02 -2.72 -5.12
C GLU A 133 -4.71 -3.42 -4.78
N LEU A 134 -3.68 -2.67 -4.40
CA LEU A 134 -2.39 -3.29 -4.10
C LEU A 134 -2.51 -4.31 -2.97
N ILE A 135 -3.52 -4.19 -2.13
CA ILE A 135 -3.74 -5.12 -1.02
C ILE A 135 -4.76 -6.20 -1.37
N ASN A 136 -5.90 -5.79 -1.95
CA ASN A 136 -7.04 -6.70 -2.04
C ASN A 136 -7.34 -7.20 -3.45
N ASN A 137 -6.47 -6.96 -4.42
CA ASN A 137 -6.74 -7.45 -5.78
C ASN A 137 -6.71 -8.97 -5.81
N PRO A 138 -7.71 -9.63 -6.39
CA PRO A 138 -7.78 -11.10 -6.29
C PRO A 138 -6.62 -11.83 -6.95
N GLU A 139 -5.96 -11.26 -7.95
CA GLU A 139 -4.95 -12.00 -8.70
C GLU A 139 -3.53 -11.50 -8.47
N TYR A 140 -3.33 -10.20 -8.19
CA TYR A 140 -2.00 -9.69 -7.88
C TYR A 140 -1.88 -9.10 -6.48
N GLY A 141 -2.93 -9.15 -5.66
CA GLY A 141 -2.86 -8.56 -4.34
C GLY A 141 -1.96 -9.33 -3.40
N LEU A 142 -1.51 -8.64 -2.35
CA LEU A 142 -0.62 -9.25 -1.36
C LEU A 142 -1.29 -10.40 -0.64
N LEU A 143 -2.55 -10.19 -0.22
CA LEU A 143 -3.26 -11.22 0.53
C LEU A 143 -3.48 -12.47 -0.31
N ALA A 144 -3.73 -12.30 -1.61
CA ALA A 144 -3.86 -13.44 -2.49
C ALA A 144 -2.50 -14.06 -2.80
N SER A 145 -1.44 -13.25 -2.77
CA SER A 145 -0.13 -13.73 -3.18
C SER A 145 0.58 -14.52 -2.08
N VAL A 146 0.23 -14.28 -0.81
CA VAL A 146 0.90 -14.98 0.27
C VAL A 146 0.67 -16.48 0.16
N THR A 147 1.66 -17.27 0.58
CA THR A 147 1.59 -18.72 0.48
C THR A 147 1.17 -19.36 1.81
N ASP A 148 0.58 -20.55 1.71
CA ASP A 148 0.14 -21.28 2.89
C ASP A 148 1.28 -21.52 3.85
N ASP A 149 2.49 -21.73 3.34
CA ASP A 149 3.69 -21.94 4.21
C ASP A 149 4.01 -20.62 4.93
N GLN A 150 3.65 -19.49 4.32
CA GLN A 150 3.92 -18.20 4.95
C GLN A 150 2.74 -17.64 5.73
N ARG A 151 1.63 -18.37 5.80
CA ARG A 151 0.45 -17.95 6.56
C ARG A 151 0.46 -18.62 7.94
N ILE A 152 0.21 -17.81 8.98
CA ILE A 152 0.11 -18.31 10.34
C ILE A 152 -1.10 -17.67 11.02
N SER A 153 -1.50 -18.26 12.15
CA SER A 153 -2.66 -17.80 12.91
C SER A 153 -2.26 -17.44 14.33
N THR A 154 -3.07 -16.59 14.96
CA THR A 154 -2.81 -16.17 16.34
C THR A 154 -3.03 -17.34 17.29
N LEU A 155 -2.33 -17.29 18.43
CA LEU A 155 -2.42 -18.36 19.42
C LEU A 155 -3.80 -18.39 20.06
N ASN A 156 -4.19 -17.29 20.73
CA ASN A 156 -5.45 -17.23 21.47
C ASN A 156 -6.16 -15.88 21.23
N GLY A 157 -6.20 -15.43 19.99
CA GLY A 157 -6.95 -14.26 19.64
C GLY A 157 -6.14 -13.01 19.36
N PRO A 158 -6.06 -12.11 20.34
CA PRO A 158 -5.51 -10.78 20.08
C PRO A 158 -4.06 -10.86 19.67
N PRO A 159 -3.54 -9.82 18.98
CA PRO A 159 -2.19 -9.87 18.42
C PRO A 159 -1.08 -9.66 19.44
N THR A 160 -0.62 -10.74 20.06
CA THR A 160 0.37 -10.68 21.13
C THR A 160 1.79 -10.53 20.59
N PRO A 161 2.70 -10.02 21.43
CA PRO A 161 4.12 -9.93 21.01
C PRO A 161 4.71 -11.26 20.61
N ASP A 162 4.27 -12.37 21.24
CA ASP A 162 4.72 -13.69 20.81
C ASP A 162 4.30 -13.96 19.37
N ASP A 163 3.07 -13.56 19.01
CA ASP A 163 2.61 -13.73 17.64
C ASP A 163 3.45 -12.91 16.67
N LEU A 164 3.79 -11.67 17.05
CA LEU A 164 4.62 -10.86 16.16
C LEU A 164 6.02 -11.44 16.02
N ASP A 165 6.55 -12.02 17.10
CA ASP A 165 7.83 -12.72 17.00
C ASP A 165 7.74 -13.91 16.05
N ASP A 166 6.63 -14.65 16.11
CA ASP A 166 6.42 -15.75 15.18
C ASP A 166 6.40 -15.25 13.74
N LEU A 167 5.78 -14.10 13.49
CA LEU A 167 5.77 -13.53 12.14
C LEU A 167 7.18 -13.15 11.69
N LEU A 168 7.97 -12.55 12.59
CA LEU A 168 9.34 -12.20 12.25
C LEU A 168 10.18 -13.44 11.92
N ARG A 169 9.89 -14.56 12.58
CA ARG A 169 10.56 -15.80 12.21
C ARG A 169 10.30 -16.16 10.75
N LYS A 170 9.05 -16.03 10.31
CA LYS A 170 8.73 -16.33 8.91
C LYS A 170 9.43 -15.35 7.97
N VAL A 171 9.51 -14.08 8.37
CA VAL A 171 10.36 -13.16 7.60
C VAL A 171 11.50 -12.68 8.49
N TRP A 172 12.61 -13.42 8.49
CA TRP A 172 13.81 -13.09 9.26
C TRP A 172 14.90 -12.42 8.43
N LYS A 173 14.91 -12.55 7.10
CA LYS A 173 15.95 -11.94 6.28
C LYS A 173 15.55 -10.51 5.92
N GLU A 174 16.14 -9.55 6.64
CA GLU A 174 15.93 -8.13 6.39
C GLU A 174 14.46 -7.72 6.25
N PRO A 175 13.66 -7.89 7.30
CA PRO A 175 12.26 -7.46 7.23
C PRO A 175 12.15 -5.95 7.07
N GLY A 176 11.14 -5.51 6.33
CA GLY A 176 10.98 -4.09 6.07
C GLY A 176 10.05 -3.35 7.01
N PHE A 177 8.80 -3.80 7.13
CA PHE A 177 7.81 -3.13 7.97
C PHE A 177 6.57 -4.00 8.08
N PHE A 178 5.78 -3.75 9.12
CA PHE A 178 4.48 -4.35 9.30
C PHE A 178 3.42 -3.44 8.68
N LEU A 179 2.36 -4.04 8.13
CA LEU A 179 1.21 -3.30 7.64
C LEU A 179 -0.03 -3.78 8.36
N ALA A 180 -0.78 -2.86 8.96
CA ALA A 180 -1.91 -3.27 9.78
C ALA A 180 -2.96 -2.16 9.83
N HIS A 181 -4.17 -2.55 10.23
CA HIS A 181 -5.24 -1.59 10.47
C HIS A 181 -4.99 -0.86 11.79
N PRO A 182 -5.42 0.40 11.90
CA PRO A 182 -5.23 1.12 13.18
C PRO A 182 -5.86 0.43 14.37
N ASP A 183 -7.01 -0.23 14.20
CA ASP A 183 -7.59 -0.99 15.30
C ASP A 183 -6.66 -2.11 15.76
N ALA A 184 -6.05 -2.83 14.80
CA ALA A 184 -5.10 -3.88 15.16
C ALA A 184 -3.88 -3.31 15.85
N ILE A 185 -3.40 -2.14 15.40
CA ILE A 185 -2.26 -1.51 16.05
C ILE A 185 -2.59 -1.16 17.49
N ALA A 186 -3.79 -0.61 17.72
CA ALA A 186 -4.21 -0.29 19.09
C ALA A 186 -4.31 -1.55 19.94
N ALA A 187 -4.85 -2.63 19.37
CA ALA A 187 -4.95 -3.88 20.12
C ALA A 187 -3.56 -4.41 20.50
N PHE A 188 -2.60 -4.31 19.58
CA PHE A 188 -1.24 -4.73 19.90
C PHE A 188 -0.64 -3.88 21.00
N GLY A 189 -0.86 -2.56 20.96
CA GLY A 189 -0.39 -1.71 22.05
C GLY A 189 -1.02 -2.09 23.38
N ARG A 190 -2.30 -2.46 23.36
CA ARG A 190 -2.99 -2.88 24.57
C ARG A 190 -2.37 -4.17 25.13
N GLU A 191 -2.07 -5.13 24.26
CA GLU A 191 -1.43 -6.37 24.72
C GLU A 191 -0.05 -6.09 25.29
N CYS A 192 0.70 -5.18 24.64
CA CYS A 192 2.00 -4.79 25.18
C CYS A 192 1.87 -4.16 26.56
N THR A 193 0.86 -3.32 26.75
CA THR A 193 0.62 -2.74 28.07
C THR A 193 0.29 -3.81 29.10
N ARG A 194 -0.54 -4.79 28.71
CA ARG A 194 -0.87 -5.89 29.62
C ARG A 194 0.38 -6.65 30.03
N ARG A 195 1.28 -6.90 29.09
CA ARG A 195 2.54 -7.57 29.42
C ARG A 195 3.58 -6.63 30.02
N GLY A 196 3.27 -5.34 30.13
CA GLY A 196 4.18 -4.42 30.79
C GLY A 196 5.38 -4.03 29.97
N VAL A 197 5.31 -4.12 28.65
CA VAL A 197 6.41 -3.80 27.75
C VAL A 197 6.02 -2.56 26.96
N PRO A 198 6.70 -1.43 27.15
CA PRO A 198 6.44 -0.26 26.31
C PRO A 198 7.24 -0.30 25.02
N PRO A 199 6.58 -0.34 23.87
CA PRO A 199 7.30 -0.39 22.60
C PRO A 199 7.89 0.96 22.24
N PRO A 200 9.08 0.99 21.64
CA PRO A 200 9.67 2.27 21.22
C PRO A 200 9.02 2.79 19.95
N THR A 201 9.40 4.03 19.60
CA THR A 201 8.81 4.76 18.49
C THR A 201 9.91 5.28 17.57
N VAL A 202 9.61 5.31 16.27
CA VAL A 202 10.52 5.81 15.25
C VAL A 202 9.80 6.90 14.45
N SER A 203 10.58 7.79 13.85
CA SER A 203 10.05 8.90 13.08
C SER A 203 10.33 8.69 11.60
N LEU A 204 9.28 8.59 10.80
CA LEU A 204 9.39 8.40 9.35
C LEU A 204 8.45 9.38 8.66
N PHE A 205 8.98 10.12 7.68
CA PHE A 205 8.21 11.08 6.89
C PHE A 205 7.50 12.10 7.78
N GLY A 206 8.14 12.47 8.89
CA GLY A 206 7.56 13.44 9.80
C GLY A 206 6.46 12.92 10.69
N SER A 207 6.28 11.61 10.77
CA SER A 207 5.26 11.01 11.62
C SER A 207 5.92 9.99 12.55
N GLN A 208 5.18 9.61 13.59
CA GLN A 208 5.67 8.68 14.61
C GLN A 208 4.97 7.34 14.45
N PHE A 209 5.75 6.26 14.46
CA PHE A 209 5.23 4.91 14.36
C PHE A 209 5.84 4.04 15.45
N ILE A 210 5.01 3.19 16.06
CA ILE A 210 5.52 2.23 17.04
C ILE A 210 6.32 1.16 16.31
N THR A 211 7.30 0.59 17.00
CA THR A 211 8.14 -0.46 16.43
C THR A 211 8.15 -1.67 17.35
N TRP A 212 8.29 -2.85 16.76
CA TRP A 212 8.53 -4.09 17.49
C TRP A 212 9.80 -4.73 16.95
N ARG A 213 10.76 -4.97 17.84
CA ARG A 213 12.07 -5.50 17.46
C ARG A 213 12.75 -4.63 16.41
N GLY A 214 12.47 -3.33 16.44
CA GLY A 214 13.03 -2.39 15.50
C GLY A 214 12.29 -2.25 14.19
N ILE A 215 11.19 -2.96 14.00
CA ILE A 215 10.44 -2.98 12.74
C ILE A 215 9.18 -2.14 12.92
N PRO A 216 9.01 -1.05 12.17
CA PRO A 216 7.84 -0.18 12.38
C PRO A 216 6.54 -0.81 11.90
N LEU A 217 5.45 -0.39 12.55
CA LEU A 217 4.10 -0.79 12.16
C LEU A 217 3.44 0.38 11.42
N ILE A 218 2.90 0.11 10.24
CA ILE A 218 2.38 1.13 9.35
C ILE A 218 0.87 0.95 9.23
N PRO A 219 0.07 1.99 9.45
CA PRO A 219 -1.39 1.84 9.39
C PRO A 219 -1.91 1.96 7.97
N SER A 220 -2.95 1.19 7.66
CA SER A 220 -3.67 1.29 6.39
C SER A 220 -5.12 0.91 6.63
N ASN A 221 -6.03 1.82 6.28
CA ASN A 221 -7.46 1.55 6.48
C ASN A 221 -8.04 0.66 5.40
N LYS A 222 -7.27 0.31 4.38
CA LYS A 222 -7.79 -0.52 3.30
C LYS A 222 -7.85 -1.99 3.69
N ILE A 223 -7.14 -2.40 4.74
CA ILE A 223 -7.18 -3.78 5.19
C ILE A 223 -8.55 -4.05 5.81
N PRO A 224 -9.30 -5.03 5.31
CA PRO A 224 -10.67 -5.23 5.78
C PRO A 224 -10.73 -5.78 7.20
N VAL A 225 -11.73 -5.31 7.94
CA VAL A 225 -11.94 -5.76 9.34
C VAL A 225 -13.38 -6.27 9.39
N GLU A 226 -13.54 -7.60 9.48
CA GLU A 226 -14.91 -8.17 9.43
C GLU A 226 -15.16 -8.93 10.74
N ASP A 227 -16.30 -8.66 11.40
CA ASP A 227 -16.67 -9.40 12.64
C ASP A 227 -15.52 -9.28 13.65
N GLY A 228 -14.90 -8.09 13.75
CA GLY A 228 -13.77 -7.89 14.67
C GLY A 228 -12.52 -8.70 14.35
N LYS A 229 -12.40 -9.26 13.12
CA LYS A 229 -11.20 -9.99 12.75
C LYS A 229 -10.47 -9.21 11.67
N THR A 230 -9.14 -9.30 11.67
CA THR A 230 -8.31 -8.62 10.68
C THR A 230 -7.05 -9.44 10.45
N LYS A 231 -6.18 -8.92 9.59
CA LYS A 231 -4.93 -9.57 9.24
C LYS A 231 -3.78 -8.59 9.35
N ILE A 232 -2.58 -9.12 9.62
CA ILE A 232 -1.37 -8.31 9.74
C ILE A 232 -0.32 -8.85 8.78
N LEU A 233 0.30 -7.98 8.01
CA LEU A 233 1.27 -8.38 6.99
C LEU A 233 2.68 -7.92 7.35
N LEU A 234 3.66 -8.74 6.99
CA LEU A 234 5.08 -8.41 7.12
C LEU A 234 5.74 -8.55 5.76
N LEU A 235 6.47 -7.52 5.36
CA LEU A 235 6.95 -7.37 3.98
C LEU A 235 8.44 -7.04 3.96
N ARG A 236 9.20 -7.50 2.94
CA ARG A 236 10.61 -7.05 2.61
C ARG A 236 10.52 -6.35 1.24
N VAL A 237 11.18 -5.20 1.02
CA VAL A 237 10.97 -4.44 -0.26
C VAL A 237 12.26 -4.18 -1.05
N GLY A 238 12.17 -4.20 -2.38
CA GLY A 238 13.32 -3.82 -3.22
C GLY A 238 13.85 -4.94 -4.11
N GLU A 239 14.25 -4.61 -5.35
CA GLU A 239 14.78 -5.61 -6.33
C GLU A 239 16.13 -6.18 -5.89
N LYS A 240 17.03 -5.32 -5.41
CA LYS A 240 18.41 -5.78 -5.05
C LYS A 240 18.35 -6.95 -4.05
N ARG A 241 17.35 -6.98 -3.16
CA ARG A 241 17.28 -8.04 -2.12
C ARG A 241 16.17 -9.07 -2.41
N GLN A 242 15.78 -9.22 -3.68
CA GLN A 242 14.74 -10.21 -4.02
C GLN A 242 13.48 -9.96 -3.17
N GLY A 243 13.04 -8.71 -3.12
CA GLY A 243 11.82 -8.39 -2.36
C GLY A 243 10.58 -8.10 -3.20
N ILE A 244 9.60 -7.34 -2.66
CA ILE A 244 8.35 -6.97 -3.30
C ILE A 244 8.57 -5.70 -4.09
N VAL A 245 8.05 -5.65 -5.32
CA VAL A 245 8.18 -4.48 -6.18
C VAL A 245 6.83 -4.16 -6.79
N GLY A 246 6.62 -2.87 -7.09
CA GLY A 246 5.51 -2.45 -7.90
C GLY A 246 5.97 -2.16 -9.32
N LEU A 247 5.05 -2.29 -10.28
CA LEU A 247 5.37 -2.18 -11.69
C LEU A 247 4.49 -1.10 -12.33
N PHE A 248 5.10 -0.23 -13.14
CA PHE A 248 4.38 0.83 -13.81
C PHE A 248 4.92 1.03 -15.22
N GLN A 249 4.09 1.68 -16.06
CA GLN A 249 4.43 1.91 -17.46
C GLN A 249 4.86 3.36 -17.66
N PRO A 250 6.09 3.60 -18.07
CA PRO A 250 6.53 4.99 -18.31
C PRO A 250 6.18 5.48 -19.70
N GLY A 251 6.34 6.79 -19.88
CA GLY A 251 6.17 7.41 -21.19
C GLY A 251 4.77 7.33 -21.76
N LEU A 252 3.75 7.55 -20.93
CA LEU A 252 2.39 7.53 -21.42
C LEU A 252 2.05 8.83 -22.15
N ALA A 253 1.10 8.74 -23.08
CA ALA A 253 0.63 9.92 -23.78
C ALA A 253 -0.26 10.76 -22.86
N GLY A 254 0.00 12.06 -22.81
CA GLY A 254 -0.71 12.93 -21.90
C GLY A 254 -0.45 12.61 -20.44
N GLU A 255 0.79 12.26 -20.11
CA GLU A 255 1.13 11.83 -18.77
C GLU A 255 1.24 13.03 -17.82
N GLN A 256 0.57 12.93 -16.68
CA GLN A 256 0.65 13.94 -15.62
C GLN A 256 1.58 13.51 -14.51
N SER A 257 1.44 12.29 -14.02
CA SER A 257 2.30 11.70 -13.01
C SER A 257 2.71 10.33 -13.51
N PRO A 258 3.82 9.77 -13.00
CA PRO A 258 4.29 8.48 -13.50
C PRO A 258 3.22 7.41 -13.45
N GLY A 259 2.89 6.86 -14.62
CA GLY A 259 1.88 5.84 -14.75
C GLY A 259 0.46 6.34 -14.94
N LEU A 260 0.23 7.65 -14.91
CA LEU A 260 -1.10 8.23 -15.00
C LEU A 260 -1.19 9.15 -16.21
N SER A 261 -2.28 9.04 -16.96
CA SER A 261 -2.50 9.83 -18.17
C SER A 261 -3.90 10.42 -18.16
N VAL A 262 -4.04 11.59 -18.77
CA VAL A 262 -5.32 12.28 -18.93
C VAL A 262 -5.47 12.68 -20.40
N ARG A 263 -6.60 12.32 -21.00
CA ARG A 263 -6.83 12.57 -22.41
C ARG A 263 -8.22 13.16 -22.64
N PHE A 264 -8.28 14.14 -23.54
CA PHE A 264 -9.54 14.77 -23.92
C PHE A 264 -10.28 13.88 -24.91
N MET A 265 -11.55 13.59 -24.61
CA MET A 265 -12.33 12.65 -25.42
C MET A 265 -13.31 13.34 -26.37
N GLY A 266 -13.74 14.55 -26.05
CA GLY A 266 -14.69 15.28 -26.88
C GLY A 266 -15.80 15.92 -26.07
N ILE A 267 -16.58 16.73 -26.77
CA ILE A 267 -17.70 17.47 -26.20
C ILE A 267 -18.98 16.93 -26.81
N ASN A 268 -19.93 16.55 -25.96
CA ASN A 268 -21.19 16.02 -26.44
C ASN A 268 -22.16 17.13 -26.79
N ARG A 269 -23.36 16.75 -27.22
CA ARG A 269 -24.34 17.71 -27.71
C ARG A 269 -25.02 18.46 -26.56
N ASN A 270 -24.80 18.03 -25.32
CA ASN A 270 -25.25 18.74 -24.13
C ASN A 270 -24.23 19.77 -23.64
N ALA A 271 -23.21 20.07 -24.45
CA ALA A 271 -22.14 21.00 -24.08
C ALA A 271 -21.37 20.51 -22.85
N ILE A 272 -21.14 19.21 -22.77
CA ILE A 272 -20.38 18.60 -21.68
C ILE A 272 -19.14 17.96 -22.28
N ALA A 273 -17.97 18.35 -21.76
CA ALA A 273 -16.71 17.77 -22.21
C ALA A 273 -16.32 16.59 -21.33
N SER A 274 -15.66 15.61 -21.96
CA SER A 274 -15.29 14.37 -21.30
C SER A 274 -13.78 14.20 -21.28
N TYR A 275 -13.26 13.68 -20.16
CA TYR A 275 -11.84 13.47 -19.96
C TYR A 275 -11.61 12.04 -19.47
N LEU A 276 -10.63 11.36 -20.05
CA LEU A 276 -10.33 9.98 -19.69
C LEU A 276 -9.08 9.95 -18.81
N ILE A 277 -9.20 9.37 -17.62
CA ILE A 277 -8.09 9.24 -16.69
C ILE A 277 -7.81 7.76 -16.48
N SER A 278 -6.54 7.37 -16.64
CA SER A 278 -6.15 5.96 -16.55
C SER A 278 -4.83 5.84 -15.81
N LEU A 279 -4.74 4.83 -14.94
CA LEU A 279 -3.53 4.53 -14.18
C LEU A 279 -3.24 3.04 -14.33
N TYR A 280 -2.04 2.71 -14.80
CA TYR A 280 -1.64 1.32 -15.04
C TYR A 280 -0.61 0.90 -13.98
N CYS A 281 -0.82 -0.25 -13.36
CA CYS A 281 0.09 -0.69 -12.31
C CYS A 281 -0.02 -2.18 -12.10
N SER A 282 0.96 -2.74 -11.40
CA SER A 282 0.94 -4.14 -10.99
C SER A 282 1.87 -4.33 -9.80
N LEU A 283 1.91 -5.56 -9.28
CA LEU A 283 2.69 -5.91 -8.10
C LEU A 283 3.33 -7.28 -8.30
N ALA A 284 4.59 -7.43 -7.91
CA ALA A 284 5.32 -8.68 -8.03
C ALA A 284 6.08 -9.00 -6.76
N VAL A 285 6.00 -10.24 -6.31
CA VAL A 285 6.76 -10.73 -5.16
C VAL A 285 7.82 -11.69 -5.69
N LEU A 286 9.09 -11.28 -5.63
CA LEU A 286 10.14 -12.03 -6.31
C LEU A 286 10.40 -13.37 -5.65
N THR A 287 10.36 -13.42 -4.32
CA THR A 287 10.57 -14.67 -3.58
C THR A 287 9.49 -14.82 -2.52
N ASP A 288 9.14 -16.08 -2.23
CA ASP A 288 8.02 -16.36 -1.33
C ASP A 288 8.30 -15.87 0.08
N ASP A 289 9.54 -16.01 0.56
CA ASP A 289 9.85 -15.65 1.94
C ASP A 289 9.85 -14.15 2.19
N ALA A 290 9.63 -13.32 1.15
CA ALA A 290 9.59 -11.88 1.35
C ALA A 290 8.27 -11.39 1.92
N LEU A 291 7.27 -12.27 2.07
CA LEU A 291 5.95 -11.86 2.53
C LEU A 291 5.41 -12.88 3.52
N ALA A 292 4.82 -12.40 4.61
CA ALA A 292 4.16 -13.25 5.59
C ALA A 292 2.90 -12.57 6.09
N VAL A 293 1.94 -13.38 6.53
CA VAL A 293 0.62 -12.89 6.95
C VAL A 293 0.19 -13.62 8.21
N LEU A 294 -0.31 -12.86 9.19
CA LEU A 294 -0.91 -13.38 10.41
C LEU A 294 -2.42 -13.14 10.35
N ASP A 295 -3.20 -14.21 10.56
CA ASP A 295 -4.65 -14.20 10.41
C ASP A 295 -5.33 -14.30 11.76
N ASP A 296 -6.67 -14.16 11.72
CA ASP A 296 -7.54 -14.33 12.88
C ASP A 296 -7.13 -13.41 14.03
N VAL A 297 -6.86 -12.15 13.71
CA VAL A 297 -6.49 -11.16 14.72
C VAL A 297 -7.74 -10.49 15.25
N GLU A 298 -7.97 -10.60 16.55
CA GLU A 298 -9.14 -10.02 17.21
C GLU A 298 -8.78 -8.68 17.82
N VAL A 299 -9.65 -7.69 17.62
CA VAL A 299 -9.35 -6.30 17.97
C VAL A 299 -10.37 -5.71 18.93
N ASP A 300 -11.25 -6.52 19.51
CA ASP A 300 -12.35 -6.00 20.33
C ASP A 300 -12.27 -6.43 21.78
N LYS A 301 -11.12 -6.92 22.24
CA LYS A 301 -11.01 -7.44 23.60
C LYS A 301 -10.21 -6.48 24.47
N TYR A 302 -10.79 -6.15 25.64
CA TYR A 302 -10.12 -5.23 26.60
C TYR A 302 -9.95 -5.98 27.94
N HIS A 303 -8.80 -5.77 28.59
CA HIS A 303 -8.47 -6.45 29.88
C HIS A 303 -9.12 -5.74 31.07
N ASP A 304 -9.66 -6.49 32.02
CA ASP A 304 -10.27 -5.95 33.24
C ASP A 304 -9.22 -6.01 34.35
N TYR A 305 -8.65 -4.84 34.64
CA TYR A 305 -7.57 -4.74 35.66
C TYR A 305 -8.17 -4.45 37.03
N PRO A 306 -7.72 -5.15 38.10
CA PRO A 306 -8.23 -4.89 39.45
C PRO A 306 -7.81 -3.49 39.89
N VAL A 307 -8.66 -2.82 40.68
CA VAL A 307 -8.35 -1.45 41.18
C VAL A 307 -8.48 -1.42 42.70
N ASN A 308 -7.72 -0.55 43.35
CA ASN A 308 -7.83 -0.37 44.82
C ASN A 308 -7.49 1.09 45.08
N TYR A 309 -8.47 1.96 45.30
CA TYR A 309 -8.19 3.42 45.39
C TYR A 309 -8.07 3.90 46.84
N LYS A 310 -7.27 4.94 47.08
CA LYS A 310 -7.12 5.50 48.44
C LYS A 310 -8.46 6.10 48.89
#